data_8RLD
#
_entry.id   8RLD
#
_cell.length_a   1.00
_cell.length_b   1.00
_cell.length_c   1.00
_cell.angle_alpha   90.00
_cell.angle_beta   90.00
_cell.angle_gamma   90.00
#
_symmetry.space_group_name_H-M   'P 1'
#
loop_
_entity.id
_entity.type
_entity.pdbx_description
1 polymer 'Sphingosine-1-phosphate transporter SPNS2'
2 non-polymer DODECYL-BETA-D-MALTOSIDE
#
_entity_poly.entity_id   1
_entity_poly.type   'polypeptide(L)'
_entity_poly.pdbx_seq_one_letter_code
;MMCLECASAAAGGAEEEEADAERRRRRRGAQRGAGGSGCCGARGAGGAGVSAAGDEVQTLSGSVRRAPTGPPGTPGTPGC
AATAKGPGAQQPKPASLGRGRGAAAAILSLGNVLNYLDRYTVAGVLLDIQQHFGVKDRGAGLLQSVFICSFMVAAPIFGY
LGDRFNRKVILSCGIFFWSAVTFSSSFIPQQYFWLLVLSRGLVGIGEASYSTIAPTIIGDLFTKNTRTLMLSVFYFAIPL
GSGLGYITGSSVKQAAGDWHWALRVSPVLGMITGTLILILVPATKRGHADQLGDQLKARTSWLRDMKALIRNRSYVFSSL
ATSAVSFATGALGMWIPLYLHRAQVVQKTAETCNSPPCGAKDSLIFGAITCFTGFLGVVTGAGATRWCRLKTQRADPLVC
AVGMLGSAIFICLIFVAAKSSIVGAYICIFVGETLLFSNWAITADILMYVVIPTRRATAVALQSFTSHLLGDAGSPYLIG
FISDLIRQSTKDSPLWEFLSLGYALMLCPFVVVLGGMFFLATALFFVSDRARAEQQVNQLAMPPASVKVAENLYFQ
;
_entity_poly.pdbx_strand_id   A
#
loop_
_chem_comp.id
_chem_comp.type
_chem_comp.name
_chem_comp.formula
LMT D-saccharide DODECYL-BETA-D-MALTOSIDE 'C24 H46 O11'
#
# COMPACT_ATOMS: atom_id res chain seq x y z
N GLY A 100 22.28 -18.07 10.90
CA GLY A 100 21.68 -18.93 9.90
C GLY A 100 20.28 -18.50 9.50
N ARG A 101 19.28 -19.06 10.16
CA ARG A 101 17.90 -18.72 9.84
C ARG A 101 17.59 -17.27 10.22
N GLY A 102 18.17 -16.78 11.31
CA GLY A 102 17.97 -15.40 11.68
C GLY A 102 18.52 -14.44 10.64
N ALA A 103 19.71 -14.72 10.13
CA ALA A 103 20.25 -13.91 9.04
C ALA A 103 19.39 -14.04 7.79
N ALA A 104 18.84 -15.23 7.54
CA ALA A 104 17.94 -15.41 6.41
C ALA A 104 16.75 -14.47 6.51
N ALA A 105 16.09 -14.45 7.68
CA ALA A 105 14.94 -13.58 7.84
C ALA A 105 15.34 -12.11 7.84
N ALA A 106 16.55 -11.80 8.32
CA ALA A 106 17.04 -10.43 8.26
C ALA A 106 17.16 -9.96 6.81
N ILE A 107 17.76 -10.79 5.95
CA ILE A 107 17.88 -10.43 4.54
C ILE A 107 16.50 -10.37 3.90
N LEU A 108 15.58 -11.25 4.30
CA LEU A 108 14.22 -11.18 3.75
C LEU A 108 13.54 -9.87 4.14
N SER A 109 13.72 -9.43 5.39
CA SER A 109 13.16 -8.15 5.81
C SER A 109 13.79 -7.00 5.05
N LEU A 110 15.11 -7.05 4.83
CA LEU A 110 15.77 -6.02 4.03
C LEU A 110 15.23 -6.01 2.60
N GLY A 111 14.98 -7.21 2.04
CA GLY A 111 14.40 -7.28 0.71
C GLY A 111 13.00 -6.70 0.66
N ASN A 112 12.22 -6.91 1.72
CA ASN A 112 10.89 -6.31 1.79
C ASN A 112 10.99 -4.79 1.87
N VAL A 113 11.93 -4.28 2.67
CA VAL A 113 12.12 -2.83 2.77
C VAL A 113 12.47 -2.26 1.40
N LEU A 114 13.41 -2.91 0.70
CA LEU A 114 13.77 -2.45 -0.63
C LEU A 114 12.62 -2.60 -1.62
N ASN A 115 11.80 -3.63 -1.45
CA ASN A 115 10.60 -3.80 -2.28
C ASN A 115 9.70 -2.58 -2.17
N TYR A 116 9.35 -2.19 -0.95
CA TYR A 116 8.48 -1.03 -0.78
C TYR A 116 9.19 0.27 -1.16
N LEU A 117 10.52 0.32 -0.97
CA LEU A 117 11.29 1.47 -1.39
C LEU A 117 11.18 1.67 -2.90
N ASP A 118 11.34 0.59 -3.67
CA ASP A 118 11.15 0.65 -5.12
C ASP A 118 9.72 1.00 -5.46
N ARG A 119 8.77 0.45 -4.71
CA ARG A 119 7.36 0.72 -4.99
C ARG A 119 7.04 2.20 -4.88
N TYR A 120 7.53 2.87 -3.83
CA TYR A 120 7.17 4.25 -3.55
C TYR A 120 8.26 5.26 -3.94
N THR A 121 9.32 4.82 -4.62
CA THR A 121 10.30 5.77 -5.11
C THR A 121 9.69 6.71 -6.14
N VAL A 122 8.79 6.19 -6.98
CA VAL A 122 8.25 6.99 -8.09
C VAL A 122 7.46 8.18 -7.54
N ALA A 123 6.77 7.99 -6.42
CA ALA A 123 5.96 9.07 -5.87
C ALA A 123 6.83 10.26 -5.47
N GLY A 124 8.01 10.00 -4.89
CA GLY A 124 8.86 11.08 -4.43
C GLY A 124 9.28 12.03 -5.53
N VAL A 125 9.42 11.53 -6.76
CA VAL A 125 9.85 12.34 -7.90
C VAL A 125 8.77 12.36 -8.99
N LEU A 126 7.52 12.10 -8.61
CA LEU A 126 6.42 12.23 -9.56
C LEU A 126 6.43 13.57 -10.26
N LEU A 127 6.69 14.67 -9.52
CA LEU A 127 6.70 15.98 -10.15
C LEU A 127 7.76 16.07 -11.23
N ASP A 128 8.98 15.62 -10.93
CA ASP A 128 10.06 15.66 -11.91
C ASP A 128 9.73 14.79 -13.12
N ILE A 129 9.19 13.59 -12.87
CA ILE A 129 8.85 12.71 -13.99
C ILE A 129 7.79 13.36 -14.87
N GLN A 130 6.78 13.96 -14.25
CA GLN A 130 5.70 14.60 -15.01
C GLN A 130 6.22 15.77 -15.82
N GLN A 131 7.10 16.57 -15.24
CA GLN A 131 7.64 17.72 -15.97
C GLN A 131 8.56 17.27 -17.10
N HIS A 132 9.32 16.19 -16.88
CA HIS A 132 10.26 15.74 -17.90
C HIS A 132 9.55 15.05 -19.07
N PHE A 133 8.51 14.28 -18.78
CA PHE A 133 7.80 13.53 -19.80
C PHE A 133 6.67 14.32 -20.45
N GLY A 134 6.39 15.54 -19.98
CA GLY A 134 5.33 16.33 -20.56
C GLY A 134 3.96 15.68 -20.47
N VAL A 135 3.68 15.02 -19.35
CA VAL A 135 2.40 14.35 -19.14
C VAL A 135 1.62 15.11 -18.08
N LYS A 136 0.31 14.89 -18.07
CA LYS A 136 -0.58 15.53 -17.12
C LYS A 136 -0.83 14.56 -15.95
N ASP A 137 -1.78 14.92 -15.08
CA ASP A 137 -2.07 14.09 -13.92
C ASP A 137 -2.54 12.70 -14.34
N ARG A 138 -3.21 12.60 -15.48
CA ARG A 138 -3.66 11.29 -15.96
C ARG A 138 -2.48 10.37 -16.25
N GLY A 139 -1.47 10.88 -16.95
CA GLY A 139 -0.29 10.07 -17.22
C GLY A 139 0.44 9.69 -15.95
N ALA A 140 0.48 10.61 -14.98
CA ALA A 140 1.08 10.27 -13.69
C ALA A 140 0.32 9.15 -13.01
N GLY A 141 -1.02 9.22 -13.02
CA GLY A 141 -1.81 8.16 -12.42
C GLY A 141 -1.57 6.81 -13.07
N LEU A 142 -1.55 6.78 -14.40
CA LEU A 142 -1.31 5.55 -15.14
C LEU A 142 -0.19 4.71 -14.54
N LEU A 143 0.87 5.36 -14.07
CA LEU A 143 2.01 4.62 -13.53
C LEU A 143 1.56 3.70 -12.40
N GLN A 144 1.07 4.28 -11.30
CA GLN A 144 0.68 3.49 -10.15
C GLN A 144 -0.54 2.62 -10.46
N SER A 145 -1.46 3.10 -11.30
CA SER A 145 -2.61 2.29 -11.66
C SER A 145 -2.18 0.97 -12.29
N VAL A 146 -1.33 1.05 -13.32
CA VAL A 146 -0.85 -0.17 -13.98
C VAL A 146 -0.01 -1.00 -13.04
N PHE A 147 0.81 -0.34 -12.20
CA PHE A 147 1.62 -1.09 -11.25
C PHE A 147 0.75 -1.95 -10.33
N ILE A 148 -0.25 -1.33 -9.71
CA ILE A 148 -1.10 -2.07 -8.77
C ILE A 148 -1.93 -3.11 -9.50
N CYS A 149 -2.38 -2.81 -10.73
CA CYS A 149 -3.12 -3.79 -11.50
C CYS A 149 -2.27 -5.03 -11.76
N SER A 150 -1.04 -4.84 -12.22
CA SER A 150 -0.15 -5.97 -12.45
C SER A 150 0.12 -6.72 -11.15
N PHE A 151 0.32 -5.99 -10.05
CA PHE A 151 0.57 -6.63 -8.77
C PHE A 151 -0.58 -7.55 -8.38
N MET A 152 -1.80 -7.04 -8.43
CA MET A 152 -2.96 -7.81 -7.99
C MET A 152 -3.23 -8.98 -8.93
N VAL A 153 -3.07 -8.78 -10.24
CA VAL A 153 -3.27 -9.89 -11.17
C VAL A 153 -2.18 -10.93 -11.01
N ALA A 154 -0.99 -10.54 -10.57
CA ALA A 154 0.14 -11.45 -10.53
C ALA A 154 0.19 -12.27 -9.25
N ALA A 155 -0.24 -11.71 -8.12
CA ALA A 155 -0.13 -12.42 -6.85
C ALA A 155 -0.69 -13.83 -6.90
N PRO A 156 -1.90 -14.09 -7.45
CA PRO A 156 -2.38 -15.48 -7.52
C PRO A 156 -1.55 -16.37 -8.44
N ILE A 157 -1.19 -15.89 -9.63
CA ILE A 157 -0.32 -16.68 -10.49
C ILE A 157 1.01 -16.96 -9.81
N PHE A 158 1.47 -16.06 -8.94
CA PHE A 158 2.72 -16.32 -8.25
C PHE A 158 2.54 -17.29 -7.09
N GLY A 159 1.35 -17.33 -6.48
CA GLY A 159 1.06 -18.41 -5.56
C GLY A 159 1.06 -19.76 -6.25
N TYR A 160 0.52 -19.81 -7.47
CA TYR A 160 0.50 -21.06 -8.21
C TYR A 160 1.90 -21.43 -8.72
N LEU A 161 2.72 -20.44 -9.04
CA LEU A 161 4.14 -20.71 -9.30
C LEU A 161 4.82 -21.23 -8.04
N GLY A 162 4.43 -20.71 -6.88
CA GLY A 162 5.01 -21.17 -5.63
C GLY A 162 4.71 -22.63 -5.34
N ASP A 163 3.44 -23.03 -5.53
CA ASP A 163 3.13 -24.44 -5.36
C ASP A 163 3.50 -25.28 -6.59
N ARG A 164 4.01 -24.65 -7.65
CA ARG A 164 4.66 -25.38 -8.74
C ARG A 164 6.16 -25.47 -8.60
N PHE A 165 6.83 -24.35 -8.29
CA PHE A 165 8.28 -24.29 -8.19
C PHE A 165 8.69 -23.96 -6.75
N ASN A 166 9.99 -23.96 -6.50
CA ASN A 166 10.51 -23.62 -5.18
C ASN A 166 10.31 -22.13 -4.89
N ARG A 167 10.16 -21.82 -3.61
CA ARG A 167 9.90 -20.43 -3.21
C ARG A 167 11.14 -19.56 -3.36
N LYS A 168 12.31 -20.06 -2.92
CA LYS A 168 13.52 -19.26 -2.98
C LYS A 168 13.89 -18.89 -4.40
N VAL A 169 13.78 -19.84 -5.33
CA VAL A 169 14.10 -19.56 -6.72
C VAL A 169 13.20 -18.47 -7.27
N ILE A 170 11.88 -18.60 -7.04
CA ILE A 170 10.94 -17.59 -7.52
C ILE A 170 11.32 -16.22 -6.96
N LEU A 171 11.56 -16.16 -5.65
CA LEU A 171 11.79 -14.87 -5.00
C LEU A 171 13.08 -14.22 -5.50
N SER A 172 14.15 -15.01 -5.68
CA SER A 172 15.42 -14.44 -6.13
C SER A 172 15.34 -14.00 -7.59
N CYS A 173 14.77 -14.84 -8.46
CA CYS A 173 14.59 -14.44 -9.85
C CYS A 173 13.74 -13.18 -9.93
N GLY A 174 12.70 -13.09 -9.10
CA GLY A 174 11.93 -11.87 -9.03
C GLY A 174 12.81 -10.68 -8.70
N ILE A 175 13.49 -10.74 -7.55
CA ILE A 175 14.34 -9.62 -7.13
C ILE A 175 15.17 -9.13 -8.30
N PHE A 176 15.90 -10.06 -8.93
CA PHE A 176 16.71 -9.67 -10.08
C PHE A 176 15.86 -9.01 -11.15
N PHE A 177 14.68 -9.57 -11.41
CA PHE A 177 13.82 -9.06 -12.49
C PHE A 177 13.43 -7.61 -12.24
N TRP A 178 12.86 -7.31 -11.06
CA TRP A 178 12.36 -5.96 -10.89
C TRP A 178 13.51 -4.98 -10.67
N SER A 179 14.64 -5.42 -10.10
CA SER A 179 15.79 -4.52 -10.00
C SER A 179 16.27 -4.11 -11.39
N ALA A 180 16.43 -5.09 -12.28
CA ALA A 180 16.86 -4.78 -13.65
C ALA A 180 15.82 -3.93 -14.36
N VAL A 181 14.54 -4.21 -14.14
CA VAL A 181 13.50 -3.44 -14.82
C VAL A 181 13.51 -2.00 -14.34
N THR A 182 13.68 -1.78 -13.04
CA THR A 182 13.75 -0.41 -12.52
C THR A 182 14.95 0.32 -13.10
N PHE A 183 16.12 -0.34 -13.12
CA PHE A 183 17.30 0.30 -13.69
C PHE A 183 17.08 0.65 -15.16
N SER A 184 16.47 -0.25 -15.92
CA SER A 184 16.18 0.03 -17.33
C SER A 184 15.19 1.18 -17.46
N SER A 185 14.19 1.25 -16.57
CA SER A 185 13.23 2.33 -16.61
C SER A 185 13.91 3.67 -16.38
N SER A 186 14.90 3.70 -15.47
CA SER A 186 15.64 4.94 -15.24
C SER A 186 16.20 5.48 -16.56
N PHE A 187 16.63 4.59 -17.45
CA PHE A 187 17.23 4.98 -18.73
C PHE A 187 16.18 4.83 -19.83
N ILE A 188 15.33 5.83 -19.97
CA ILE A 188 14.29 5.85 -20.99
C ILE A 188 14.26 7.20 -21.68
N PRO A 189 14.18 7.27 -23.00
CA PRO A 189 14.04 8.57 -23.66
C PRO A 189 12.73 9.25 -23.29
N GLN A 190 12.77 10.59 -23.29
CA GLN A 190 11.57 11.36 -23.01
C GLN A 190 10.50 11.21 -24.10
N GLN A 191 10.91 10.86 -25.33
CA GLN A 191 9.94 10.74 -26.41
C GLN A 191 8.93 9.63 -26.14
N TYR A 192 9.34 8.56 -25.46
CA TYR A 192 8.47 7.43 -25.18
C TYR A 192 8.13 7.42 -23.69
N PHE A 193 6.84 7.31 -23.39
CA PHE A 193 6.36 7.24 -22.01
C PHE A 193 5.77 5.89 -21.65
N TRP A 194 5.12 5.20 -22.59
CA TRP A 194 4.52 3.90 -22.28
C TRP A 194 5.58 2.87 -21.90
N LEU A 195 6.83 3.07 -22.29
CA LEU A 195 7.90 2.20 -21.81
C LEU A 195 8.00 2.24 -20.29
N LEU A 196 7.86 3.44 -19.71
CA LEU A 196 7.88 3.56 -18.26
C LEU A 196 6.70 2.83 -17.64
N VAL A 197 5.52 2.90 -18.27
CA VAL A 197 4.35 2.20 -17.76
C VAL A 197 4.58 0.70 -17.78
N LEU A 198 5.15 0.18 -18.87
CA LEU A 198 5.44 -1.25 -18.96
C LEU A 198 6.46 -1.67 -17.90
N SER A 199 7.48 -0.83 -17.67
CA SER A 199 8.46 -1.14 -16.63
C SER A 199 7.79 -1.17 -15.26
N ARG A 200 6.91 -0.21 -14.98
CA ARG A 200 6.19 -0.22 -13.72
C ARG A 200 5.32 -1.47 -13.59
N GLY A 201 4.68 -1.88 -14.67
CA GLY A 201 3.90 -3.11 -14.62
C GLY A 201 4.74 -4.33 -14.31
N LEU A 202 5.89 -4.46 -14.95
CA LEU A 202 6.79 -5.58 -14.67
C LEU A 202 7.27 -5.55 -13.23
N VAL A 203 7.61 -4.35 -12.74
CA VAL A 203 8.03 -4.22 -11.34
C VAL A 203 6.91 -4.64 -10.41
N GLY A 204 5.67 -4.30 -10.77
CA GLY A 204 4.54 -4.74 -9.97
C GLY A 204 4.39 -6.26 -9.97
N ILE A 205 4.61 -6.88 -11.13
CA ILE A 205 4.59 -8.34 -11.21
C ILE A 205 5.61 -8.93 -10.22
N GLY A 206 6.84 -8.41 -10.28
CA GLY A 206 7.88 -8.94 -9.40
C GLY A 206 7.59 -8.69 -7.93
N GLU A 207 7.12 -7.49 -7.59
CA GLU A 207 6.81 -7.18 -6.21
C GLU A 207 5.67 -8.05 -5.69
N ALA A 208 4.70 -8.37 -6.55
CA ALA A 208 3.67 -9.32 -6.15
C ALA A 208 4.26 -10.70 -5.89
N SER A 209 5.18 -11.14 -6.75
CA SER A 209 5.84 -12.42 -6.51
C SER A 209 6.48 -12.43 -5.13
N TYR A 210 7.20 -11.34 -4.80
CA TYR A 210 7.87 -11.28 -3.50
C TYR A 210 6.86 -11.28 -2.36
N SER A 211 5.85 -10.41 -2.44
CA SER A 211 4.88 -10.30 -1.36
C SER A 211 4.15 -11.60 -1.14
N THR A 212 4.01 -12.43 -2.17
CA THR A 212 3.33 -13.70 -2.02
C THR A 212 4.25 -14.84 -1.58
N ILE A 213 5.54 -14.78 -1.93
CA ILE A 213 6.45 -15.88 -1.63
C ILE A 213 7.13 -15.69 -0.28
N ALA A 214 7.62 -14.49 0.01
CA ALA A 214 8.40 -14.30 1.23
C ALA A 214 7.68 -14.74 2.50
N PRO A 215 6.40 -14.42 2.72
CA PRO A 215 5.76 -14.84 3.98
C PRO A 215 5.79 -16.34 4.20
N THR A 216 5.63 -17.13 3.15
CA THR A 216 5.70 -18.59 3.31
C THR A 216 7.09 -19.01 3.74
N ILE A 217 8.14 -18.40 3.18
CA ILE A 217 9.50 -18.72 3.60
C ILE A 217 9.71 -18.36 5.06
N ILE A 218 9.22 -17.19 5.47
CA ILE A 218 9.35 -16.78 6.87
C ILE A 218 8.65 -17.78 7.78
N GLY A 219 7.44 -18.19 7.41
CA GLY A 219 6.72 -19.16 8.22
C GLY A 219 7.43 -20.51 8.29
N ASP A 220 8.00 -20.96 7.17
CA ASP A 220 8.69 -22.24 7.15
C ASP A 220 9.98 -22.20 7.94
N LEU A 221 10.68 -21.06 7.98
CA LEU A 221 11.95 -20.98 8.69
C LEU A 221 11.79 -21.32 10.16
N PHE A 222 10.78 -20.73 10.81
CA PHE A 222 10.55 -20.89 12.24
C PHE A 222 9.12 -21.39 12.47
N THR A 223 8.99 -22.46 13.25
CA THR A 223 7.70 -22.99 13.65
C THR A 223 7.50 -22.99 15.16
N LYS A 224 8.47 -22.49 15.93
CA LYS A 224 8.48 -22.63 17.38
C LYS A 224 7.97 -21.39 18.10
N ASN A 225 7.12 -20.60 17.46
CA ASN A 225 6.50 -19.37 17.97
C ASN A 225 7.45 -18.20 17.87
N THR A 226 8.68 -18.38 17.37
CA THR A 226 9.51 -17.26 16.99
C THR A 226 8.99 -16.60 15.72
N ARG A 227 8.29 -17.38 14.89
CA ARG A 227 7.76 -16.84 13.64
C ARG A 227 6.76 -15.73 13.86
N THR A 228 6.07 -15.71 15.01
CA THR A 228 5.19 -14.56 15.29
C THR A 228 5.98 -13.27 15.29
N LEU A 229 7.15 -13.27 15.95
CA LEU A 229 7.95 -12.05 16.03
C LEU A 229 8.66 -11.78 14.71
N MET A 230 9.10 -12.83 14.02
CA MET A 230 9.85 -12.59 12.80
C MET A 230 8.92 -12.08 11.70
N LEU A 231 7.71 -12.64 11.62
CA LEU A 231 6.69 -12.09 10.73
C LEU A 231 6.30 -10.68 11.13
N SER A 232 6.29 -10.38 12.43
CA SER A 232 6.03 -9.00 12.86
C SER A 232 7.12 -8.06 12.37
N VAL A 233 8.37 -8.53 12.35
CA VAL A 233 9.46 -7.74 11.75
C VAL A 233 9.20 -7.54 10.25
N PHE A 234 8.83 -8.61 9.56
CA PHE A 234 8.46 -8.50 8.15
C PHE A 234 7.41 -7.42 7.96
N TYR A 235 6.40 -7.39 8.83
CA TYR A 235 5.34 -6.39 8.71
C TYR A 235 5.85 -5.00 9.00
N PHE A 236 6.71 -4.85 10.03
CA PHE A 236 7.32 -3.55 10.29
C PHE A 236 8.11 -3.05 9.09
N ALA A 237 8.58 -3.97 8.25
CA ALA A 237 9.34 -3.55 7.08
C ALA A 237 8.51 -2.70 6.11
N ILE A 238 7.19 -2.71 6.24
CA ILE A 238 6.32 -2.05 5.26
C ILE A 238 6.35 -0.53 5.43
N PRO A 239 5.94 0.02 6.59
CA PRO A 239 5.94 1.48 6.72
C PRO A 239 7.32 2.09 6.58
N LEU A 240 8.32 1.46 7.19
CA LEU A 240 9.70 1.91 6.99
C LEU A 240 10.07 1.85 5.53
N GLY A 241 9.63 0.81 4.82
CA GLY A 241 9.92 0.72 3.40
C GLY A 241 9.36 1.89 2.62
N SER A 242 8.08 2.23 2.86
CA SER A 242 7.47 3.33 2.13
C SER A 242 8.13 4.67 2.48
N GLY A 243 8.38 4.90 3.77
CA GLY A 243 9.03 6.13 4.18
C GLY A 243 10.42 6.27 3.58
N LEU A 244 11.19 5.17 3.58
CA LEU A 244 12.51 5.19 2.98
C LEU A 244 12.43 5.40 1.47
N GLY A 245 11.41 4.85 0.83
CA GLY A 245 11.22 5.14 -0.59
C GLY A 245 11.06 6.63 -0.85
N TYR A 246 10.13 7.26 -0.13
CA TYR A 246 9.93 8.70 -0.29
C TYR A 246 11.24 9.45 -0.03
N ILE A 247 11.87 9.18 1.11
CA ILE A 247 13.04 9.95 1.52
C ILE A 247 14.19 9.74 0.56
N THR A 248 14.44 8.50 0.14
CA THR A 248 15.54 8.22 -0.76
C THR A 248 15.31 8.89 -2.10
N GLY A 249 14.09 8.80 -2.65
CA GLY A 249 13.83 9.48 -3.90
C GLY A 249 14.08 10.97 -3.80
N SER A 250 13.53 11.61 -2.76
CA SER A 250 13.71 13.05 -2.62
C SER A 250 15.18 13.42 -2.46
N SER A 251 15.91 12.67 -1.63
CA SER A 251 17.30 13.01 -1.35
C SER A 251 18.19 12.81 -2.56
N VAL A 252 18.00 11.69 -3.28
CA VAL A 252 18.78 11.47 -4.49
C VAL A 252 18.48 12.53 -5.53
N LYS A 253 17.20 12.91 -5.68
CA LYS A 253 16.87 13.96 -6.63
C LYS A 253 17.54 15.27 -6.25
N GLN A 254 17.51 15.62 -4.96
CA GLN A 254 18.11 16.89 -4.53
C GLN A 254 19.62 16.88 -4.71
N ALA A 255 20.28 15.76 -4.39
CA ALA A 255 21.73 15.71 -4.44
C ALA A 255 22.23 15.65 -5.88
N ALA A 256 21.72 14.70 -6.68
CA ALA A 256 22.18 14.58 -8.05
C ALA A 256 21.61 15.67 -8.96
N GLY A 257 20.44 16.21 -8.61
CA GLY A 257 19.78 17.19 -9.45
C GLY A 257 19.01 16.62 -10.61
N ASP A 258 19.00 15.30 -10.78
CA ASP A 258 18.28 14.64 -11.86
C ASP A 258 17.49 13.47 -11.27
N TRP A 259 16.25 13.33 -11.73
CA TRP A 259 15.37 12.32 -11.15
C TRP A 259 15.79 10.90 -11.52
N HIS A 260 16.44 10.72 -12.67
CA HIS A 260 16.81 9.38 -13.11
C HIS A 260 17.63 8.67 -12.04
N TRP A 261 18.53 9.40 -11.36
CA TRP A 261 19.37 8.77 -10.35
C TRP A 261 18.54 8.13 -9.25
N ALA A 262 17.38 8.70 -8.93
CA ALA A 262 16.52 8.11 -7.91
C ALA A 262 16.16 6.68 -8.29
N LEU A 263 15.93 6.42 -9.57
CA LEU A 263 15.64 5.07 -10.04
C LEU A 263 16.90 4.24 -10.27
N ARG A 264 18.07 4.87 -10.33
CA ARG A 264 19.31 4.13 -10.56
C ARG A 264 19.93 3.62 -9.26
N VAL A 265 19.74 4.34 -8.15
CA VAL A 265 20.40 3.96 -6.91
C VAL A 265 19.77 2.70 -6.32
N SER A 266 18.45 2.65 -6.27
CA SER A 266 17.78 1.54 -5.60
C SER A 266 18.09 0.19 -6.24
N PRO A 267 18.07 0.02 -7.56
CA PRO A 267 18.40 -1.30 -8.13
C PRO A 267 19.76 -1.82 -7.69
N VAL A 268 20.78 -0.95 -7.62
CA VAL A 268 22.09 -1.38 -7.17
C VAL A 268 22.00 -1.94 -5.76
N LEU A 269 21.23 -1.29 -4.89
CA LEU A 269 21.00 -1.84 -3.56
C LEU A 269 20.24 -3.16 -3.66
N GLY A 270 19.26 -3.24 -4.56
CA GLY A 270 18.45 -4.43 -4.65
C GLY A 270 19.23 -5.65 -5.11
N MET A 271 20.07 -5.47 -6.14
CA MET A 271 20.77 -6.62 -6.67
C MET A 271 21.57 -7.32 -5.58
N ILE A 272 22.37 -6.56 -4.82
CA ILE A 272 23.10 -7.12 -3.70
C ILE A 272 22.19 -7.98 -2.82
N THR A 273 21.06 -7.41 -2.35
CA THR A 273 20.19 -8.19 -1.47
C THR A 273 19.79 -9.50 -2.14
N GLY A 274 19.45 -9.45 -3.43
CA GLY A 274 19.13 -10.68 -4.14
C GLY A 274 20.23 -11.71 -4.02
N THR A 275 21.48 -11.31 -4.32
CA THR A 275 22.58 -12.26 -4.20
C THR A 275 22.71 -12.77 -2.77
N LEU A 276 22.27 -11.97 -1.79
CA LEU A 276 22.34 -12.34 -0.39
C LEU A 276 21.19 -13.28 -0.01
N ILE A 277 20.07 -13.17 -0.72
CA ILE A 277 18.88 -13.95 -0.38
C ILE A 277 19.20 -15.44 -0.49
N LEU A 278 19.84 -15.85 -1.58
CA LEU A 278 20.27 -17.25 -1.71
C LEU A 278 21.39 -17.59 -0.76
N ILE A 279 22.23 -16.60 -0.42
CA ILE A 279 23.43 -16.85 0.39
C ILE A 279 23.07 -17.09 1.85
N LEU A 280 22.07 -16.38 2.38
CA LEU A 280 21.76 -16.46 3.80
C LEU A 280 20.51 -17.25 4.12
N VAL A 281 19.65 -17.53 3.14
CA VAL A 281 18.38 -18.19 3.38
C VAL A 281 18.47 -19.62 2.86
N PRO A 282 18.26 -20.63 3.69
CA PRO A 282 18.23 -22.01 3.19
C PRO A 282 16.90 -22.32 2.51
N ALA A 283 16.92 -23.36 1.67
CA ALA A 283 15.73 -23.70 0.90
C ALA A 283 14.65 -24.22 1.83
N THR A 284 13.42 -23.72 1.64
CA THR A 284 12.29 -24.17 2.43
C THR A 284 11.88 -25.59 2.03
N LYS A 285 11.30 -26.31 3.00
CA LYS A 285 10.83 -27.67 2.76
C LYS A 285 9.33 -27.78 3.07
N LYS A 297 -9.91 -30.84 -8.67
CA LYS A 297 -10.20 -31.17 -7.28
C LYS A 297 -9.97 -29.96 -6.37
N ALA A 298 -8.71 -29.54 -6.26
CA ALA A 298 -8.40 -28.36 -5.44
C ALA A 298 -9.09 -27.12 -5.99
N ARG A 299 -9.12 -26.96 -7.32
CA ARG A 299 -9.82 -25.83 -7.91
C ARG A 299 -11.30 -25.87 -7.58
N THR A 300 -11.91 -27.06 -7.61
CA THR A 300 -13.31 -27.17 -7.24
C THR A 300 -13.53 -26.79 -5.79
N SER A 301 -12.65 -27.24 -4.90
CA SER A 301 -12.77 -26.87 -3.49
C SER A 301 -12.66 -25.36 -3.31
N TRP A 302 -11.73 -24.72 -4.02
CA TRP A 302 -11.60 -23.27 -3.94
C TRP A 302 -12.83 -22.57 -4.49
N LEU A 303 -13.45 -23.13 -5.54
CA LEU A 303 -14.67 -22.54 -6.07
C LEU A 303 -15.82 -22.63 -5.06
N ARG A 304 -15.97 -23.78 -4.39
CA ARG A 304 -16.95 -23.87 -3.33
C ARG A 304 -16.62 -22.89 -2.20
N ASP A 305 -15.34 -22.75 -1.89
CA ASP A 305 -14.92 -21.79 -0.87
C ASP A 305 -15.42 -20.40 -1.19
N MET A 306 -15.21 -19.95 -2.43
CA MET A 306 -15.71 -18.62 -2.81
C MET A 306 -17.22 -18.57 -2.79
N LYS A 307 -17.89 -19.63 -3.28
CA LYS A 307 -19.34 -19.63 -3.34
C LYS A 307 -19.96 -19.50 -1.96
N ALA A 308 -19.30 -20.04 -0.93
CA ALA A 308 -19.80 -19.91 0.43
C ALA A 308 -19.25 -18.70 1.15
N LEU A 309 -18.14 -18.13 0.68
CA LEU A 309 -17.60 -16.90 1.26
C LEU A 309 -18.42 -15.69 0.85
N ILE A 310 -18.93 -15.69 -0.38
CA ILE A 310 -19.76 -14.57 -0.83
C ILE A 310 -20.99 -14.40 0.03
N ARG A 311 -21.42 -15.46 0.73
CA ARG A 311 -22.56 -15.40 1.62
C ARG A 311 -22.20 -14.91 3.01
N ASN A 312 -20.92 -14.67 3.30
CA ASN A 312 -20.49 -14.20 4.61
C ASN A 312 -20.64 -12.68 4.65
N ARG A 313 -21.57 -12.20 5.48
CA ARG A 313 -21.89 -10.78 5.50
C ARG A 313 -20.74 -9.96 6.08
N SER A 314 -20.28 -10.33 7.28
CA SER A 314 -19.23 -9.55 7.92
C SER A 314 -17.94 -9.58 7.11
N TYR A 315 -17.61 -10.74 6.53
CA TYR A 315 -16.41 -10.82 5.71
C TYR A 315 -16.51 -9.91 4.48
N VAL A 316 -17.69 -9.89 3.84
CA VAL A 316 -17.87 -9.04 2.67
C VAL A 316 -17.76 -7.57 3.06
N PHE A 317 -18.38 -7.19 4.17
CA PHE A 317 -18.33 -5.79 4.59
C PHE A 317 -16.90 -5.39 4.95
N SER A 318 -16.15 -6.27 5.61
CA SER A 318 -14.76 -5.97 5.92
C SER A 318 -13.92 -5.89 4.66
N SER A 319 -14.23 -6.73 3.67
CA SER A 319 -13.52 -6.65 2.39
C SER A 319 -13.77 -5.31 1.72
N LEU A 320 -15.02 -4.85 1.72
CA LEU A 320 -15.31 -3.53 1.16
C LEU A 320 -14.61 -2.43 1.94
N ALA A 321 -14.58 -2.54 3.27
CA ALA A 321 -13.93 -1.53 4.09
C ALA A 321 -12.44 -1.46 3.78
N THR A 322 -11.77 -2.61 3.70
CA THR A 322 -10.35 -2.58 3.37
C THR A 322 -10.10 -2.16 1.93
N SER A 323 -11.07 -2.39 1.04
CA SER A 323 -10.97 -1.85 -0.31
C SER A 323 -10.97 -0.32 -0.29
N ALA A 324 -11.88 0.26 0.48
CA ALA A 324 -11.87 1.72 0.64
C ALA A 324 -10.57 2.19 1.28
N VAL A 325 -10.06 1.43 2.25
CA VAL A 325 -8.78 1.75 2.87
C VAL A 325 -7.68 1.81 1.81
N SER A 326 -7.62 0.79 0.95
CA SER A 326 -6.59 0.75 -0.08
C SER A 326 -6.75 1.92 -1.04
N PHE A 327 -7.99 2.20 -1.47
CA PHE A 327 -8.24 3.32 -2.36
C PHE A 327 -7.67 4.61 -1.76
N ALA A 328 -8.09 4.92 -0.52
CA ALA A 328 -7.66 6.16 0.11
C ALA A 328 -6.16 6.20 0.28
N THR A 329 -5.58 5.11 0.81
CA THR A 329 -4.14 5.09 1.06
C THR A 329 -3.37 5.33 -0.22
N GLY A 330 -3.68 4.56 -1.28
CA GLY A 330 -2.95 4.74 -2.53
C GLY A 330 -3.08 6.14 -3.07
N ALA A 331 -4.32 6.63 -3.23
CA ALA A 331 -4.51 7.94 -3.83
C ALA A 331 -3.80 9.03 -3.04
N LEU A 332 -4.00 9.05 -1.71
CA LEU A 332 -3.41 10.10 -0.90
C LEU A 332 -1.89 9.99 -0.87
N GLY A 333 -1.35 8.80 -0.61
CA GLY A 333 0.09 8.65 -0.56
C GLY A 333 0.76 8.97 -1.87
N MET A 334 0.06 8.86 -2.99
CA MET A 334 0.66 9.22 -4.27
C MET A 334 0.50 10.69 -4.62
N TRP A 335 -0.61 11.33 -4.23
CA TRP A 335 -0.87 12.70 -4.64
C TRP A 335 -0.57 13.75 -3.57
N ILE A 336 -0.15 13.34 -2.38
CA ILE A 336 0.20 14.30 -1.32
C ILE A 336 1.43 15.12 -1.70
N PRO A 337 2.52 14.52 -2.19
CA PRO A 337 3.69 15.34 -2.53
C PRO A 337 3.40 16.39 -3.60
N LEU A 338 2.73 15.98 -4.68
CA LEU A 338 2.38 16.93 -5.73
C LEU A 338 1.43 18.00 -5.20
N TYR A 339 0.47 17.61 -4.37
CA TYR A 339 -0.47 18.59 -3.81
C TYR A 339 0.25 19.60 -2.94
N LEU A 340 1.22 19.14 -2.13
CA LEU A 340 1.98 20.04 -1.29
C LEU A 340 2.81 21.01 -2.13
N HIS A 341 3.48 20.50 -3.16
CA HIS A 341 4.27 21.38 -4.01
C HIS A 341 3.37 22.39 -4.73
N ARG A 342 2.17 21.97 -5.12
CA ARG A 342 1.23 22.88 -5.75
C ARG A 342 0.79 23.96 -4.76
N ALA A 343 0.51 23.57 -3.52
CA ALA A 343 0.21 24.56 -2.49
C ALA A 343 1.35 25.57 -2.36
N GLN A 344 2.59 25.08 -2.36
CA GLN A 344 3.73 25.99 -2.23
C GLN A 344 3.82 26.96 -3.41
N VAL A 345 3.64 26.45 -4.64
CA VAL A 345 3.77 27.32 -5.80
C VAL A 345 2.64 28.36 -5.81
N VAL A 346 1.44 27.99 -5.37
CA VAL A 346 0.36 28.97 -5.28
C VAL A 346 0.75 30.08 -4.31
N GLN A 347 1.27 29.71 -3.14
CA GLN A 347 1.69 30.70 -2.16
C GLN A 347 2.91 31.47 -2.68
N LYS A 348 3.12 32.66 -2.11
CA LYS A 348 4.22 33.50 -2.56
C LYS A 348 5.56 32.80 -2.39
N THR A 349 5.76 32.15 -1.26
CA THR A 349 7.03 31.47 -0.97
C THR A 349 6.86 29.97 -1.19
N ALA A 350 7.82 29.37 -1.89
CA ALA A 350 7.79 27.95 -2.19
C ALA A 350 9.17 27.37 -1.96
N GLU A 351 9.23 26.04 -1.90
CA GLU A 351 10.48 25.32 -1.67
C GLU A 351 11.52 25.70 -2.72
N GLY A 359 11.15 21.10 -3.40
CA GLY A 359 10.13 20.09 -3.17
C GLY A 359 10.68 18.84 -2.52
N ALA A 360 12.00 18.69 -2.53
CA ALA A 360 12.62 17.52 -1.92
C ALA A 360 12.38 17.51 -0.41
N LYS A 361 12.46 18.67 0.23
CA LYS A 361 12.23 18.73 1.67
C LYS A 361 10.81 18.30 2.02
N ASP A 362 9.84 18.69 1.19
CA ASP A 362 8.46 18.29 1.43
C ASP A 362 8.33 16.77 1.40
N SER A 363 8.95 16.12 0.40
CA SER A 363 8.89 14.67 0.32
C SER A 363 9.62 14.02 1.49
N LEU A 364 10.73 14.63 1.93
CA LEU A 364 11.43 14.12 3.11
C LEU A 364 10.54 14.13 4.34
N ILE A 365 9.89 15.27 4.59
CA ILE A 365 8.98 15.37 5.73
C ILE A 365 7.84 14.38 5.59
N PHE A 366 7.29 14.26 4.38
CA PHE A 366 6.17 13.34 4.18
C PHE A 366 6.58 11.90 4.46
N GLY A 367 7.76 11.48 3.98
CA GLY A 367 8.20 10.12 4.22
C GLY A 367 8.49 9.84 5.68
N ALA A 368 9.15 10.78 6.36
CA ALA A 368 9.41 10.61 7.79
C ALA A 368 8.09 10.47 8.55
N ILE A 369 7.15 11.39 8.29
CA ILE A 369 5.86 11.31 8.94
C ILE A 369 5.17 10.00 8.59
N THR A 370 5.30 9.55 7.35
CA THR A 370 4.60 8.33 6.93
C THR A 370 5.09 7.13 7.72
N CYS A 371 6.41 6.93 7.80
CA CYS A 371 6.92 5.76 8.51
C CYS A 371 6.62 5.85 10.01
N PHE A 372 6.88 7.01 10.61
CA PHE A 372 6.64 7.15 12.05
C PHE A 372 5.16 6.96 12.37
N THR A 373 4.28 7.54 11.56
CA THR A 373 2.85 7.40 11.77
C THR A 373 2.39 5.97 11.54
N GLY A 374 2.99 5.26 10.58
CA GLY A 374 2.63 3.87 10.40
C GLY A 374 2.95 3.03 11.63
N PHE A 375 4.16 3.20 12.17
CA PHE A 375 4.51 2.46 13.38
C PHE A 375 3.58 2.83 14.52
N LEU A 376 3.45 4.13 14.80
CA LEU A 376 2.60 4.56 15.91
C LEU A 376 1.16 4.14 15.71
N GLY A 377 0.69 4.12 14.46
CA GLY A 377 -0.69 3.75 14.19
C GLY A 377 -0.95 2.28 14.41
N VAL A 378 -0.04 1.43 13.96
CA VAL A 378 -0.17 0.00 14.25
C VAL A 378 -0.22 -0.20 15.77
N VAL A 379 0.72 0.42 16.49
CA VAL A 379 0.78 0.23 17.94
C VAL A 379 -0.52 0.69 18.58
N THR A 380 -0.96 1.91 18.26
CA THR A 380 -2.14 2.49 18.89
C THR A 380 -3.40 1.72 18.52
N GLY A 381 -3.53 1.29 17.27
CA GLY A 381 -4.69 0.52 16.88
C GLY A 381 -4.78 -0.79 17.65
N ALA A 382 -3.67 -1.54 17.69
CA ALA A 382 -3.68 -2.79 18.45
C ALA A 382 -4.05 -2.54 19.90
N GLY A 383 -3.39 -1.57 20.53
CA GLY A 383 -3.70 -1.29 21.92
C GLY A 383 -5.15 -0.91 22.14
N ALA A 384 -5.64 0.07 21.37
CA ALA A 384 -6.98 0.58 21.56
C ALA A 384 -8.03 -0.50 21.35
N THR A 385 -7.87 -1.31 20.30
CA THR A 385 -8.81 -2.42 20.14
C THR A 385 -8.71 -3.37 21.32
N ARG A 386 -7.53 -3.54 21.90
CA ARG A 386 -7.41 -4.39 23.08
C ARG A 386 -8.24 -3.84 24.24
N TRP A 387 -8.04 -2.56 24.59
CA TRP A 387 -8.82 -2.01 25.69
C TRP A 387 -10.32 -1.96 25.38
N CYS A 388 -10.69 -1.81 24.10
CA CYS A 388 -12.10 -1.77 23.74
C CYS A 388 -12.76 -3.16 23.74
N ARG A 389 -11.97 -4.22 23.59
CA ARG A 389 -12.55 -5.56 23.61
C ARG A 389 -13.26 -5.84 24.94
N LEU A 390 -12.66 -5.41 26.06
CA LEU A 390 -13.22 -5.70 27.37
C LEU A 390 -14.60 -5.08 27.57
N LYS A 391 -14.92 -4.00 26.86
CA LYS A 391 -16.21 -3.35 27.06
C LYS A 391 -17.34 -4.09 26.35
N THR A 392 -17.09 -4.60 25.15
CA THR A 392 -18.14 -5.24 24.37
C THR A 392 -17.50 -6.05 23.25
N GLN A 393 -18.16 -7.15 22.88
CA GLN A 393 -17.87 -7.77 21.59
C GLN A 393 -18.28 -6.81 20.48
N ARG A 394 -17.70 -7.00 19.30
CA ARG A 394 -17.75 -6.10 18.15
C ARG A 394 -16.78 -4.94 18.34
N ALA A 395 -15.88 -5.02 19.31
CA ALA A 395 -15.01 -3.87 19.58
C ALA A 395 -14.08 -3.60 18.41
N ASP A 396 -13.56 -4.66 17.77
CA ASP A 396 -12.60 -4.44 16.69
C ASP A 396 -13.24 -3.72 15.51
N PRO A 397 -14.40 -4.17 14.98
CA PRO A 397 -15.04 -3.39 13.91
C PRO A 397 -15.41 -1.97 14.33
N LEU A 398 -15.86 -1.77 15.58
CA LEU A 398 -16.27 -0.44 16.00
C LEU A 398 -15.09 0.51 16.08
N VAL A 399 -13.95 0.04 16.61
CA VAL A 399 -12.77 0.88 16.65
C VAL A 399 -12.24 1.13 15.24
N CYS A 400 -12.35 0.13 14.35
CA CYS A 400 -12.01 0.36 12.97
C CYS A 400 -12.85 1.50 12.38
N ALA A 401 -14.16 1.46 12.62
CA ALA A 401 -15.03 2.50 12.08
C ALA A 401 -14.70 3.86 12.68
N VAL A 402 -14.42 3.92 13.99
CA VAL A 402 -14.09 5.19 14.63
C VAL A 402 -12.81 5.75 14.01
N GLY A 403 -11.79 4.91 13.86
CA GLY A 403 -10.55 5.35 13.25
C GLY A 403 -10.74 5.81 11.82
N MET A 404 -11.54 5.08 11.05
CA MET A 404 -11.82 5.47 9.67
C MET A 404 -12.47 6.85 9.62
N LEU A 405 -13.47 7.07 10.50
CA LEU A 405 -14.17 8.34 10.47
C LEU A 405 -13.25 9.48 10.88
N GLY A 406 -12.42 9.27 11.91
CA GLY A 406 -11.45 10.29 12.28
C GLY A 406 -10.49 10.58 11.15
N SER A 407 -10.03 9.55 10.46
CA SER A 407 -9.14 9.74 9.32
C SER A 407 -9.82 10.56 8.24
N ALA A 408 -11.11 10.30 8.00
CA ALA A 408 -11.85 11.09 7.01
C ALA A 408 -11.94 12.55 7.43
N ILE A 409 -12.24 12.80 8.71
CA ILE A 409 -12.32 14.18 9.19
C ILE A 409 -10.99 14.90 8.98
N PHE A 410 -9.88 14.24 9.32
CA PHE A 410 -8.59 14.91 9.22
C PHE A 410 -8.14 15.06 7.77
N ILE A 411 -8.45 14.08 6.91
CA ILE A 411 -8.13 14.20 5.50
C ILE A 411 -8.97 15.28 4.84
N CYS A 412 -10.14 15.58 5.39
CA CYS A 412 -10.90 16.73 4.94
C CYS A 412 -10.33 18.04 5.47
N LEU A 413 -9.81 18.02 6.71
CA LEU A 413 -9.23 19.21 7.30
C LEU A 413 -7.90 19.59 6.65
N ILE A 414 -7.20 18.63 6.05
CA ILE A 414 -5.93 18.94 5.40
C ILE A 414 -6.13 20.00 4.32
N PHE A 415 -7.24 19.92 3.59
CA PHE A 415 -7.46 20.86 2.49
C PHE A 415 -7.71 22.27 2.99
N VAL A 416 -8.28 22.41 4.19
CA VAL A 416 -8.44 23.74 4.77
C VAL A 416 -7.14 24.22 5.38
N ALA A 417 -6.31 23.31 5.89
CA ALA A 417 -5.07 23.71 6.54
C ALA A 417 -3.97 24.05 5.55
N ALA A 418 -3.97 23.42 4.38
CA ALA A 418 -2.84 23.55 3.47
C ALA A 418 -2.68 24.98 2.96
N LYS A 419 -3.76 25.57 2.46
CA LYS A 419 -3.66 26.91 1.89
C LYS A 419 -3.18 27.92 2.93
N SER A 420 -3.60 27.75 4.18
CA SER A 420 -3.15 28.63 5.24
C SER A 420 -1.66 28.41 5.54
N SER A 421 -1.23 27.15 5.60
CA SER A 421 0.17 26.83 5.86
C SER A 421 0.40 25.35 5.54
N ILE A 422 1.59 25.06 5.03
CA ILE A 422 1.94 23.67 4.71
C ILE A 422 2.09 22.85 5.98
N VAL A 423 2.60 23.46 7.06
CA VAL A 423 2.87 22.71 8.28
C VAL A 423 1.58 22.15 8.87
N GLY A 424 0.52 22.96 8.91
CA GLY A 424 -0.76 22.45 9.38
C GLY A 424 -1.21 21.25 8.58
N ALA A 425 -1.07 21.33 7.25
CA ALA A 425 -1.37 20.17 6.42
C ALA A 425 -0.52 18.98 6.81
N TYR A 426 0.72 19.21 7.23
CA TYR A 426 1.57 18.08 7.63
C TYR A 426 1.09 17.42 8.92
N ILE A 427 0.66 18.23 9.90
CA ILE A 427 0.06 17.64 11.10
C ILE A 427 -1.21 16.85 10.75
N CYS A 428 -2.03 17.39 9.85
CA CYS A 428 -3.20 16.65 9.42
C CYS A 428 -2.80 15.32 8.78
N ILE A 429 -1.76 15.34 7.93
CA ILE A 429 -1.24 14.10 7.36
C ILE A 429 -0.85 13.15 8.47
N PHE A 430 -0.15 13.67 9.49
CA PHE A 430 0.30 12.82 10.58
C PHE A 430 -0.87 12.10 11.24
N VAL A 431 -1.90 12.85 11.62
CA VAL A 431 -3.04 12.24 12.32
C VAL A 431 -3.76 11.25 11.42
N GLY A 432 -4.07 11.67 10.19
CA GLY A 432 -4.79 10.78 9.28
C GLY A 432 -4.03 9.50 9.00
N GLU A 433 -2.71 9.62 8.78
CA GLU A 433 -1.89 8.44 8.56
C GLU A 433 -1.90 7.54 9.78
N THR A 434 -1.77 8.11 10.98
CA THR A 434 -1.80 7.30 12.18
C THR A 434 -3.06 6.44 12.21
N LEU A 435 -4.23 7.07 12.02
CA LEU A 435 -5.48 6.31 12.12
C LEU A 435 -5.63 5.31 10.97
N LEU A 436 -5.37 5.75 9.74
CA LEU A 436 -5.56 4.92 8.56
C LEU A 436 -4.59 3.77 8.51
N PHE A 437 -3.47 3.85 9.24
CA PHE A 437 -2.56 2.73 9.39
C PHE A 437 -2.95 1.86 10.57
N SER A 438 -3.56 2.47 11.61
CA SER A 438 -4.02 1.69 12.75
C SER A 438 -5.06 0.66 12.32
N ASN A 439 -5.98 1.07 11.44
CA ASN A 439 -7.12 0.20 11.15
C ASN A 439 -6.71 -1.14 10.50
N TRP A 440 -5.53 -1.22 9.88
CA TRP A 440 -5.15 -2.45 9.17
C TRP A 440 -5.05 -3.63 10.12
N ALA A 441 -4.28 -3.47 11.20
CA ALA A 441 -4.01 -4.59 12.10
C ALA A 441 -5.28 -5.09 12.75
N ILE A 442 -6.34 -4.28 12.78
CA ILE A 442 -7.59 -4.72 13.39
C ILE A 442 -8.51 -5.36 12.35
N THR A 443 -8.54 -4.83 11.12
CA THR A 443 -9.32 -5.51 10.09
C THR A 443 -8.76 -6.89 9.81
N ALA A 444 -7.45 -7.08 9.95
CA ALA A 444 -6.87 -8.41 9.81
C ALA A 444 -7.46 -9.38 10.83
N ASP A 445 -7.51 -8.96 12.10
CA ASP A 445 -8.07 -9.80 13.15
C ASP A 445 -9.55 -10.06 12.90
N ILE A 446 -10.29 -9.05 12.43
CA ILE A 446 -11.69 -9.26 12.10
C ILE A 446 -11.82 -10.36 11.05
N LEU A 447 -10.99 -10.29 9.99
CA LEU A 447 -11.02 -11.31 8.97
C LEU A 447 -10.78 -12.69 9.57
N MET A 448 -9.71 -12.83 10.36
CA MET A 448 -9.37 -14.16 10.85
C MET A 448 -10.35 -14.65 11.90
N TYR A 449 -11.12 -13.77 12.53
CA TYR A 449 -12.24 -14.21 13.35
C TYR A 449 -13.40 -14.73 12.50
N VAL A 450 -13.79 -13.99 11.47
CA VAL A 450 -15.04 -14.30 10.78
C VAL A 450 -14.93 -15.57 9.94
N VAL A 451 -13.74 -15.92 9.47
CA VAL A 451 -13.58 -17.05 8.56
C VAL A 451 -13.03 -18.25 9.31
N ILE A 452 -13.43 -19.45 8.89
CA ILE A 452 -13.02 -20.70 9.52
C ILE A 452 -11.62 -21.05 9.05
N PRO A 453 -10.89 -21.91 9.78
CA PRO A 453 -9.50 -22.20 9.37
C PRO A 453 -9.37 -22.83 7.99
N THR A 454 -10.17 -23.86 7.70
CA THR A 454 -10.04 -24.57 6.43
C THR A 454 -10.14 -23.61 5.25
N ARG A 455 -10.95 -22.56 5.36
CA ARG A 455 -11.25 -21.65 4.26
C ARG A 455 -10.67 -20.26 4.49
N ARG A 456 -9.66 -20.15 5.35
CA ARG A 456 -9.05 -18.86 5.64
C ARG A 456 -8.09 -18.41 4.53
N ALA A 457 -7.37 -19.35 3.90
CA ALA A 457 -6.44 -18.96 2.85
C ALA A 457 -7.19 -18.41 1.63
N THR A 458 -8.25 -19.09 1.22
CA THR A 458 -9.05 -18.60 0.11
C THR A 458 -9.65 -17.24 0.44
N ALA A 459 -10.13 -17.06 1.67
CA ALA A 459 -10.73 -15.78 2.06
C ALA A 459 -9.69 -14.67 2.04
N VAL A 460 -8.47 -14.96 2.52
CA VAL A 460 -7.42 -13.95 2.52
C VAL A 460 -7.06 -13.54 1.10
N ALA A 461 -6.89 -14.54 0.22
CA ALA A 461 -6.56 -14.22 -1.17
C ALA A 461 -7.68 -13.41 -1.83
N LEU A 462 -8.93 -13.82 -1.60
CA LEU A 462 -10.05 -13.10 -2.20
C LEU A 462 -10.12 -11.67 -1.68
N GLN A 463 -9.94 -11.47 -0.37
CA GLN A 463 -9.98 -10.13 0.19
C GLN A 463 -8.86 -9.27 -0.37
N SER A 464 -7.64 -9.83 -0.46
CA SER A 464 -6.53 -9.06 -1.01
C SER A 464 -6.81 -8.63 -2.44
N PHE A 465 -7.25 -9.58 -3.29
CA PHE A 465 -7.51 -9.24 -4.68
C PHE A 465 -8.64 -8.21 -4.78
N THR A 466 -9.70 -8.40 -3.99
CA THR A 466 -10.83 -7.47 -4.03
C THR A 466 -10.42 -6.08 -3.60
N SER A 467 -9.64 -5.98 -2.53
CA SER A 467 -9.19 -4.66 -2.06
C SER A 467 -8.32 -3.98 -3.11
N HIS A 468 -7.41 -4.73 -3.73
CA HIS A 468 -6.56 -4.13 -4.75
C HIS A 468 -7.38 -3.68 -5.95
N LEU A 469 -8.32 -4.50 -6.41
CA LEU A 469 -9.12 -4.13 -7.58
C LEU A 469 -10.02 -2.93 -7.29
N LEU A 470 -10.76 -2.97 -6.18
CA LEU A 470 -11.66 -1.88 -5.84
C LEU A 470 -10.88 -0.62 -5.49
N GLY A 471 -9.81 -0.76 -4.73
CA GLY A 471 -9.03 0.38 -4.28
C GLY A 471 -7.55 0.20 -4.58
N ASP A 472 -6.93 1.29 -5.01
CA ASP A 472 -5.52 1.39 -5.40
C ASP A 472 -5.27 0.81 -6.79
N ALA A 473 -6.27 0.26 -7.47
CA ALA A 473 -6.16 -0.16 -8.87
C ALA A 473 -7.03 0.78 -9.68
N GLY A 474 -6.38 1.74 -10.35
CA GLY A 474 -7.08 2.78 -11.08
C GLY A 474 -7.50 3.96 -10.25
N SER A 475 -7.32 3.91 -8.92
CA SER A 475 -7.63 5.08 -8.09
C SER A 475 -6.71 6.25 -8.40
N PRO A 476 -5.39 6.08 -8.53
CA PRO A 476 -4.55 7.21 -8.93
C PRO A 476 -4.96 7.76 -10.27
N TYR A 477 -5.33 6.89 -11.21
CA TYR A 477 -5.82 7.36 -12.50
C TYR A 477 -7.13 8.09 -12.36
N LEU A 478 -7.97 7.68 -11.41
CA LEU A 478 -9.23 8.39 -11.18
C LEU A 478 -8.97 9.80 -10.68
N ILE A 479 -8.08 9.93 -9.69
CA ILE A 479 -7.76 11.27 -9.17
C ILE A 479 -7.14 12.13 -10.26
N GLY A 480 -6.20 11.55 -11.02
CA GLY A 480 -5.58 12.32 -12.10
C GLY A 480 -6.58 12.73 -13.16
N PHE A 481 -7.54 11.86 -13.47
CA PHE A 481 -8.52 12.17 -14.50
C PHE A 481 -9.48 13.26 -14.05
N ILE A 482 -9.91 13.21 -12.78
CA ILE A 482 -10.73 14.29 -12.25
C ILE A 482 -9.97 15.61 -12.27
N SER A 483 -8.70 15.58 -11.84
CA SER A 483 -7.90 16.81 -11.86
C SER A 483 -7.74 17.34 -13.27
N ASP A 484 -7.50 16.45 -14.24
CA ASP A 484 -7.33 16.87 -15.62
C ASP A 484 -8.63 17.46 -16.17
N LEU A 485 -9.77 16.86 -15.83
CA LEU A 485 -11.04 17.43 -16.26
C LEU A 485 -11.23 18.83 -15.70
N ILE A 486 -10.96 19.00 -14.40
CA ILE A 486 -11.13 20.32 -13.79
C ILE A 486 -10.21 21.34 -14.44
N ARG A 487 -8.96 20.94 -14.73
CA ARG A 487 -8.02 21.86 -15.35
C ARG A 487 -8.40 22.16 -16.80
N GLN A 488 -8.99 21.19 -17.50
CA GLN A 488 -9.36 21.40 -18.89
C GLN A 488 -10.55 22.33 -19.00
N SER A 489 -11.57 22.13 -18.16
CA SER A 489 -12.75 22.99 -18.22
C SER A 489 -12.40 24.44 -17.92
N THR A 490 -11.44 24.65 -17.00
CA THR A 490 -11.04 25.99 -16.59
C THR A 490 -9.70 26.36 -17.21
N LYS A 491 -9.30 27.62 -17.00
CA LYS A 491 -7.98 28.06 -17.42
C LYS A 491 -6.91 27.36 -16.59
N ASP A 492 -5.72 27.25 -17.17
CA ASP A 492 -4.61 26.51 -16.56
C ASP A 492 -3.58 27.50 -16.02
N SER A 493 -3.29 27.38 -14.73
CA SER A 493 -2.26 28.18 -14.08
C SER A 493 -1.94 27.51 -12.75
N PRO A 494 -0.91 27.99 -12.04
CA PRO A 494 -0.55 27.32 -10.78
C PRO A 494 -1.71 27.23 -9.80
N LEU A 495 -2.45 28.33 -9.59
CA LEU A 495 -3.57 28.29 -8.66
C LEU A 495 -4.65 27.34 -9.14
N TRP A 496 -4.95 27.36 -10.44
CA TRP A 496 -5.95 26.44 -10.98
C TRP A 496 -5.50 25.00 -10.83
N GLU A 497 -4.22 24.72 -11.09
CA GLU A 497 -3.71 23.36 -10.93
C GLU A 497 -3.86 22.90 -9.48
N PHE A 498 -3.45 23.75 -8.54
CA PHE A 498 -3.55 23.39 -7.13
C PHE A 498 -4.99 23.13 -6.72
N LEU A 499 -5.91 24.04 -7.11
CA LEU A 499 -7.30 23.88 -6.73
C LEU A 499 -7.90 22.62 -7.37
N SER A 500 -7.53 22.34 -8.61
CA SER A 500 -8.05 21.15 -9.28
C SER A 500 -7.57 19.88 -8.60
N LEU A 501 -6.29 19.80 -8.26
CA LEU A 501 -5.79 18.62 -7.56
C LEU A 501 -6.44 18.49 -6.19
N GLY A 502 -6.65 19.61 -5.50
CA GLY A 502 -7.34 19.55 -4.22
C GLY A 502 -8.75 19.02 -4.35
N TYR A 503 -9.51 19.52 -5.33
CA TYR A 503 -10.86 19.04 -5.55
C TYR A 503 -10.86 17.55 -5.89
N ALA A 504 -9.92 17.12 -6.73
CA ALA A 504 -9.83 15.70 -7.07
C ALA A 504 -9.56 14.87 -5.82
N LEU A 505 -8.69 15.36 -4.93
CA LEU A 505 -8.39 14.63 -3.70
C LEU A 505 -9.55 14.66 -2.72
N MET A 506 -10.45 15.64 -2.82
CA MET A 506 -11.61 15.69 -1.94
C MET A 506 -12.51 14.46 -2.08
N LEU A 507 -12.27 13.60 -3.06
CA LEU A 507 -13.06 12.38 -3.18
C LEU A 507 -12.65 11.34 -2.15
N CYS A 508 -11.39 11.34 -1.73
CA CYS A 508 -10.90 10.31 -0.82
C CYS A 508 -11.60 10.35 0.54
N PRO A 509 -11.83 11.51 1.17
CA PRO A 509 -12.56 11.50 2.45
C PRO A 509 -13.91 10.81 2.37
N PHE A 510 -14.64 10.98 1.26
CA PHE A 510 -15.92 10.29 1.12
C PHE A 510 -15.73 8.79 1.10
N VAL A 511 -14.69 8.31 0.42
CA VAL A 511 -14.42 6.88 0.38
C VAL A 511 -14.03 6.37 1.77
N VAL A 512 -13.32 7.19 2.55
CA VAL A 512 -12.95 6.79 3.90
C VAL A 512 -14.20 6.71 4.78
N VAL A 513 -15.13 7.65 4.62
CA VAL A 513 -16.38 7.60 5.36
C VAL A 513 -17.18 6.36 4.97
N LEU A 514 -17.19 6.03 3.67
CA LEU A 514 -17.87 4.82 3.22
C LEU A 514 -17.24 3.57 3.81
N GLY A 515 -15.90 3.55 3.90
CA GLY A 515 -15.23 2.43 4.55
C GLY A 515 -15.57 2.33 6.02
N GLY A 516 -15.70 3.47 6.69
CA GLY A 516 -16.15 3.45 8.07
C GLY A 516 -17.55 2.90 8.21
N MET A 517 -18.43 3.26 7.27
CA MET A 517 -19.78 2.68 7.27
C MET A 517 -19.72 1.17 7.05
N PHE A 518 -18.84 0.72 6.15
CA PHE A 518 -18.67 -0.72 5.96
C PHE A 518 -18.19 -1.40 7.24
N PHE A 519 -17.27 -0.75 7.97
CA PHE A 519 -16.82 -1.31 9.24
C PHE A 519 -17.95 -1.38 10.25
N LEU A 520 -18.81 -0.36 10.26
CA LEU A 520 -19.99 -0.40 11.13
C LEU A 520 -20.89 -1.58 10.77
N ALA A 521 -21.13 -1.78 9.47
CA ALA A 521 -21.94 -2.91 9.04
C ALA A 521 -21.31 -4.22 9.47
N THR A 522 -19.98 -4.35 9.31
CA THR A 522 -19.29 -5.54 9.78
C THR A 522 -19.50 -5.74 11.27
N ALA A 523 -19.45 -4.64 12.04
CA ALA A 523 -19.74 -4.73 13.47
C ALA A 523 -21.13 -5.31 13.71
N LEU A 524 -22.12 -4.84 12.96
CA LEU A 524 -23.50 -5.25 13.22
C LEU A 524 -23.68 -6.77 13.14
N PHE A 525 -22.94 -7.43 12.26
CA PHE A 525 -23.09 -8.86 11.99
C PHE A 525 -21.86 -9.67 12.41
N PHE A 526 -21.27 -9.34 13.56
CA PHE A 526 -20.02 -9.98 13.96
C PHE A 526 -20.23 -11.22 14.81
N VAL A 527 -21.06 -11.12 15.86
CA VAL A 527 -21.21 -12.24 16.78
C VAL A 527 -21.88 -13.42 16.10
N SER A 528 -22.89 -13.16 15.27
CA SER A 528 -23.57 -14.26 14.59
C SER A 528 -22.62 -14.98 13.63
N ASP A 529 -21.77 -14.23 12.92
CA ASP A 529 -20.80 -14.85 12.03
C ASP A 529 -19.75 -15.63 12.80
N ARG A 530 -19.32 -15.13 13.96
CA ARG A 530 -18.41 -15.90 14.80
C ARG A 530 -19.07 -17.17 15.30
N ALA A 531 -20.35 -17.11 15.63
CA ALA A 531 -21.07 -18.30 16.06
C ALA A 531 -21.14 -19.32 14.93
N ARG A 532 -21.45 -18.87 13.71
CA ARG A 532 -21.44 -19.79 12.57
C ARG A 532 -20.05 -20.40 12.38
N ALA A 533 -19.00 -19.59 12.50
CA ALA A 533 -17.64 -20.10 12.33
C ALA A 533 -17.32 -21.16 13.37
N GLU A 534 -17.69 -20.91 14.63
CA GLU A 534 -17.43 -21.88 15.69
C GLU A 534 -18.21 -23.18 15.46
N GLN A 535 -19.49 -23.06 15.10
CA GLN A 535 -20.29 -24.25 14.86
C GLN A 535 -19.79 -25.05 13.68
N GLN A 536 -19.22 -24.37 12.67
CA GLN A 536 -18.61 -25.10 11.55
C GLN A 536 -17.27 -25.70 11.94
N VAL A 537 -16.53 -25.05 12.84
CA VAL A 537 -15.25 -25.59 13.28
C VAL A 537 -15.47 -26.86 14.11
N ASN A 538 -16.53 -26.89 14.91
CA ASN A 538 -16.83 -28.08 15.70
C ASN A 538 -16.87 -29.32 14.81
N GLN A 539 -17.55 -29.22 13.67
CA GLN A 539 -17.64 -30.33 12.73
C GLN A 539 -16.60 -30.19 11.62
O1B LMT B . -3.66 -4.39 3.11
C1' LMT B . -1.48 -1.40 1.24
C2' LMT B . -0.76 -2.77 1.36
C3' LMT B . -1.75 -3.89 1.76
C4' LMT B . -2.61 -3.46 2.97
C5' LMT B . -3.22 -2.10 2.57
C6' LMT B . -4.26 -1.59 3.53
O1' LMT B . -0.56 -0.40 1.12
O2' LMT B . -0.25 -3.07 0.12
O3' LMT B . -1.08 -5.04 2.06
O5' LMT B . -2.20 -1.14 2.44
O6' LMT B . -4.20 -2.40 4.63
C1 LMT B . 0.04 0.04 2.32
C2 LMT B . 1.45 0.36 1.93
C3 LMT B . 2.07 1.52 2.64
C4 LMT B . 1.53 2.77 2.02
C5 LMT B . 2.15 3.98 2.64
C6 LMT B . 2.01 5.20 1.80
C7 LMT B . 0.56 5.64 1.73
C8 LMT B . 0.36 6.83 2.58
C9 LMT B . -1.07 7.16 2.85
C10 LMT B . -1.14 8.59 3.31
C11 LMT B . -2.44 8.87 3.99
C12 LMT B . -2.58 10.31 4.36
H1' LMT B . -2.10 -1.45 0.50
H2' LMT B . -0.11 -2.69 2.07
H3' LMT B . -2.38 -3.97 1.02
H4' LMT B . -2.05 -3.37 3.75
H5' LMT B . -3.67 -2.26 1.73
H6D LMT B . -5.13 -1.62 3.08
H6E LMT B . -4.14 -0.64 3.68
H12 LMT B . 0.03 -0.62 3.03
H11 LMT B . -0.43 0.79 2.69
H22 LMT B . 1.47 0.54 0.98
H21 LMT B . 2.00 -0.42 2.07
H32 LMT B . 3.04 1.51 2.60
H31 LMT B . 1.87 1.51 3.60
H42 LMT B . 0.57 2.80 2.10
H41 LMT B . 1.71 2.77 1.07
H52 LMT B . 3.10 3.81 2.81
H51 LMT B . 1.77 4.13 3.51
H62 LMT B . 2.35 5.05 0.90
H61 LMT B . 2.55 5.93 2.14
H72 LMT B . -0.02 4.91 2.02
H71 LMT B . 0.31 5.80 0.81
H82 LMT B . 0.79 7.60 2.16
H81 LMT B . 0.83 6.72 3.42
H92 LMT B . -1.45 6.56 3.52
H91 LMT B . -1.61 7.02 2.06
H102 LMT B . -1.03 9.18 2.56
H101 LMT B . -0.40 8.78 3.90
H112 LMT B . -2.50 8.32 4.79
H111 LMT B . -3.17 8.60 3.42
H123 LMT B . -3.24 10.44 5.05
H122 LMT B . -2.84 10.85 3.59
H121 LMT B . -1.73 10.65 4.69
#